data_1CKZ
#
_entry.id   1CKZ
#
_cell.length_a   1.000
_cell.length_b   1.000
_cell.length_c   1.000
_cell.angle_alpha   90.00
_cell.angle_beta   90.00
_cell.angle_gamma   90.00
#
_symmetry.space_group_name_H-M   'P 1'
#
_entity_poly.entity_id   1
_entity_poly.type   'polypeptide(L)'
_entity_poly.pdbx_seq_one_letter_code
;MPGTIKENIIGVSYDEYRYRSVIKA
;
_entity_poly.pdbx_strand_id   A
#
# COMPACT_ATOMS: atom_id res chain seq x y z
N MET A 1 1.57 13.60 -2.99
CA MET A 1 2.32 14.87 -3.06
C MET A 1 3.36 14.82 -4.19
N PRO A 2 3.27 15.79 -5.07
CA PRO A 2 4.21 15.85 -6.22
C PRO A 2 5.58 16.35 -5.76
N GLY A 3 6.59 16.16 -6.56
CA GLY A 3 7.95 16.62 -6.17
C GLY A 3 8.69 15.47 -5.49
N THR A 4 7.98 14.55 -4.93
CA THR A 4 8.63 13.41 -4.23
C THR A 4 8.22 12.09 -4.90
N ILE A 5 8.49 11.95 -6.18
CA ILE A 5 8.14 10.70 -6.89
C ILE A 5 9.19 9.62 -6.60
N LYS A 6 9.53 9.44 -5.35
CA LYS A 6 10.54 8.42 -4.99
C LYS A 6 10.27 7.93 -3.57
N GLU A 7 9.02 7.85 -3.20
CA GLU A 7 8.68 7.39 -1.84
C GLU A 7 7.17 7.14 -1.76
N ASN A 8 6.71 6.11 -2.41
CA ASN A 8 5.25 5.80 -2.38
C ASN A 8 4.90 5.05 -1.09
N ILE A 9 5.40 5.52 0.02
CA ILE A 9 5.10 4.86 1.32
C ILE A 9 4.00 5.63 2.04
N ILE A 10 3.50 6.66 1.43
CA ILE A 10 2.43 7.48 2.07
C ILE A 10 1.10 6.72 2.08
N GLY A 11 1.11 5.47 2.43
CA GLY A 11 -0.16 4.69 2.49
C GLY A 11 -0.90 4.79 1.16
N VAL A 12 -0.51 4.04 0.18
CA VAL A 12 -1.22 4.07 -1.13
C VAL A 12 -2.31 3.00 -1.11
N SER A 13 -1.91 1.77 -1.09
CA SER A 13 -2.91 0.66 -1.07
C SER A 13 -3.51 0.57 0.33
N TYR A 14 -4.72 1.02 0.50
CA TYR A 14 -5.34 0.97 1.85
C TYR A 14 -6.02 -0.40 2.06
N ASP A 15 -6.74 -0.87 1.09
CA ASP A 15 -7.43 -2.18 1.25
C ASP A 15 -7.14 -3.07 0.03
N GLU A 16 -5.91 -3.40 -0.20
CA GLU A 16 -5.58 -4.26 -1.37
C GLU A 16 -4.27 -5.01 -1.12
N TYR A 17 -3.85 -5.09 0.11
CA TYR A 17 -2.58 -5.80 0.43
C TYR A 17 -2.22 -5.56 1.90
N ARG A 18 -3.19 -5.62 2.77
CA ARG A 18 -2.92 -5.41 4.21
C ARG A 18 -2.66 -6.75 4.89
N TYR A 19 -1.76 -7.53 4.34
CA TYR A 19 -1.46 -8.86 4.95
C TYR A 19 -2.78 -9.59 5.26
N ARG A 20 -3.80 -9.35 4.49
CA ARG A 20 -5.09 -10.03 4.74
C ARG A 20 -5.30 -11.10 3.66
N SER A 21 -4.25 -11.78 3.29
CA SER A 21 -4.38 -12.84 2.25
C SER A 21 -4.26 -14.21 2.91
N VAL A 22 -4.71 -14.31 4.13
CA VAL A 22 -4.64 -15.62 4.84
C VAL A 22 -5.94 -16.39 4.63
N ILE A 23 -6.88 -15.81 3.93
CA ILE A 23 -8.17 -16.50 3.70
C ILE A 23 -8.41 -16.63 2.20
N LYS A 24 -7.40 -16.98 1.45
CA LYS A 24 -7.57 -17.12 -0.02
C LYS A 24 -8.80 -17.97 -0.32
N ALA A 25 -9.30 -17.89 -1.51
CA ALA A 25 -10.51 -18.70 -1.86
C ALA A 25 -10.14 -19.72 -2.95
N MET A 1 12.84 16.27 -6.31
CA MET A 1 14.06 16.02 -7.14
C MET A 1 14.26 14.51 -7.34
N PRO A 2 14.28 13.79 -6.26
CA PRO A 2 14.48 12.31 -6.34
C PRO A 2 13.21 11.64 -6.88
N GLY A 3 13.08 10.36 -6.70
CA GLY A 3 11.88 9.65 -7.21
C GLY A 3 11.00 9.21 -6.03
N THR A 4 11.35 9.60 -4.84
CA THR A 4 10.54 9.20 -3.66
C THR A 4 9.39 10.20 -3.46
N ILE A 5 8.73 10.59 -4.52
CA ILE A 5 7.61 11.55 -4.40
C ILE A 5 6.29 10.83 -4.67
N LYS A 6 6.13 9.66 -4.12
CA LYS A 6 4.88 8.89 -4.34
C LYS A 6 4.98 7.56 -3.58
N GLU A 7 5.32 7.63 -2.32
CA GLU A 7 5.45 6.39 -1.51
C GLU A 7 4.15 6.14 -0.76
N ASN A 8 3.07 6.02 -1.46
CA ASN A 8 1.75 5.78 -0.81
C ASN A 8 1.67 4.31 -0.37
N ILE A 9 2.69 3.82 0.27
CA ILE A 9 2.68 2.42 0.74
C ILE A 9 1.97 2.34 2.08
N ILE A 10 1.47 3.45 2.55
CA ILE A 10 0.76 3.48 3.87
C ILE A 10 -0.54 2.65 3.79
N GLY A 11 -0.48 1.48 3.22
CA GLY A 11 -1.71 0.64 3.14
C GLY A 11 -2.90 1.48 2.69
N VAL A 12 -2.95 1.85 1.44
CA VAL A 12 -4.09 2.65 0.95
C VAL A 12 -5.36 1.82 1.04
N SER A 13 -5.40 0.73 0.32
CA SER A 13 -6.62 -0.11 0.35
C SER A 13 -6.72 -0.85 1.68
N TYR A 14 -6.99 -0.15 2.74
CA TYR A 14 -7.09 -0.83 4.08
C TYR A 14 -8.51 -1.36 4.27
N ASP A 15 -9.39 -1.13 3.33
CA ASP A 15 -10.78 -1.63 3.47
C ASP A 15 -11.41 -1.80 2.08
N GLU A 16 -10.77 -2.56 1.22
CA GLU A 16 -11.32 -2.77 -0.14
C GLU A 16 -10.67 -4.00 -0.76
N TYR A 17 -9.39 -4.17 -0.55
CA TYR A 17 -8.70 -5.36 -1.12
C TYR A 17 -8.69 -6.48 -0.09
N ARG A 18 -9.78 -6.69 0.59
CA ARG A 18 -9.82 -7.77 1.61
C ARG A 18 -8.63 -7.62 2.56
N TYR A 19 -8.28 -6.41 2.88
CA TYR A 19 -7.12 -6.18 3.80
C TYR A 19 -5.83 -6.64 3.13
N ARG A 20 -5.89 -7.01 1.86
CA ARG A 20 -4.68 -7.45 1.14
C ARG A 20 -3.74 -8.21 2.08
N SER A 21 -4.28 -9.03 2.93
CA SER A 21 -3.44 -9.80 3.87
C SER A 21 -3.36 -11.25 3.40
N VAL A 22 -3.31 -11.45 2.12
CA VAL A 22 -3.24 -12.84 1.58
C VAL A 22 -1.80 -13.35 1.59
N ILE A 23 -0.87 -12.55 2.06
CA ILE A 23 0.55 -13.02 2.09
C ILE A 23 0.87 -13.61 3.45
N LYS A 24 -0.11 -14.22 4.07
CA LYS A 24 0.11 -14.84 5.41
C LYS A 24 -1.23 -15.00 6.12
N ALA A 25 -2.17 -15.68 5.51
CA ALA A 25 -3.49 -15.86 6.16
C ALA A 25 -3.77 -17.36 6.33
N MET A 1 13.21 14.97 -7.14
CA MET A 1 12.20 13.99 -7.63
C MET A 1 11.71 13.10 -6.48
N PRO A 2 12.63 12.57 -5.71
CA PRO A 2 12.24 11.70 -4.57
C PRO A 2 11.68 12.53 -3.42
N GLY A 3 10.39 12.51 -3.24
CA GLY A 3 9.78 13.31 -2.13
C GLY A 3 8.42 12.72 -1.75
N THR A 4 7.87 13.14 -0.64
CA THR A 4 6.55 12.60 -0.21
C THR A 4 5.44 13.48 -0.77
N ILE A 5 5.57 13.91 -2.00
CA ILE A 5 4.52 14.77 -2.60
C ILE A 5 3.83 14.00 -3.73
N LYS A 6 3.58 12.73 -3.52
CA LYS A 6 2.91 11.91 -4.55
C LYS A 6 2.05 10.84 -3.88
N GLU A 7 1.24 11.24 -2.93
CA GLU A 7 0.38 10.24 -2.22
C GLU A 7 1.24 9.07 -1.75
N ASN A 8 2.18 9.32 -0.89
CA ASN A 8 3.05 8.21 -0.40
C ASN A 8 2.87 8.05 1.11
N ILE A 9 1.64 8.03 1.57
CA ILE A 9 1.40 7.87 3.03
C ILE A 9 1.04 6.41 3.31
N ILE A 10 0.64 5.69 2.32
CA ILE A 10 0.27 4.26 2.52
C ILE A 10 1.17 3.38 1.65
N GLY A 11 2.37 3.84 1.39
CA GLY A 11 3.31 3.05 0.54
C GLY A 11 2.77 2.90 -0.89
N VAL A 12 1.66 3.52 -1.20
CA VAL A 12 1.09 3.42 -2.56
C VAL A 12 0.62 1.99 -2.83
N SER A 13 1.48 1.04 -2.63
CA SER A 13 1.10 -0.37 -2.88
C SER A 13 0.21 -0.88 -1.74
N TYR A 14 -1.08 -0.70 -1.87
CA TYR A 14 -1.99 -1.16 -0.79
C TYR A 14 -3.33 -1.62 -1.41
N ASP A 15 -3.27 -2.41 -2.44
CA ASP A 15 -4.53 -2.88 -3.07
C ASP A 15 -4.60 -4.41 -3.03
N GLU A 16 -4.15 -4.98 -1.95
CA GLU A 16 -4.18 -6.45 -1.81
C GLU A 16 -4.44 -6.80 -0.34
N TYR A 17 -5.31 -6.07 0.29
CA TYR A 17 -5.60 -6.34 1.73
C TYR A 17 -4.29 -6.43 2.49
N ARG A 18 -3.35 -5.57 2.18
CA ARG A 18 -2.04 -5.62 2.89
C ARG A 18 -1.60 -7.08 3.03
N TYR A 19 -1.46 -7.75 1.92
CA TYR A 19 -1.07 -9.19 1.97
C TYR A 19 -2.30 -10.02 2.32
N ARG A 20 -3.30 -9.98 1.47
CA ARG A 20 -4.54 -10.76 1.74
C ARG A 20 -4.27 -12.27 1.60
N SER A 21 -3.15 -12.74 2.06
CA SER A 21 -2.86 -14.19 1.96
C SER A 21 -2.72 -14.73 3.39
N VAL A 22 -3.31 -14.03 4.32
CA VAL A 22 -3.23 -14.46 5.74
C VAL A 22 -4.60 -14.34 6.40
N ILE A 23 -5.42 -13.44 5.94
CA ILE A 23 -6.77 -13.26 6.53
C ILE A 23 -7.83 -13.54 5.47
N LYS A 24 -7.78 -14.70 4.85
CA LYS A 24 -8.78 -15.04 3.80
C LYS A 24 -10.02 -15.63 4.45
N ALA A 25 -10.63 -14.91 5.36
CA ALA A 25 -11.85 -15.43 6.02
C ALA A 25 -13.07 -15.22 5.11
N MET A 1 18.01 5.41 -3.55
CA MET A 1 16.57 5.34 -3.17
C MET A 1 15.81 6.55 -3.71
N PRO A 2 14.54 6.35 -3.94
CA PRO A 2 13.68 7.44 -4.47
C PRO A 2 13.39 8.47 -3.38
N GLY A 3 12.78 9.58 -3.72
CA GLY A 3 12.47 10.61 -2.69
C GLY A 3 10.98 10.58 -2.37
N THR A 4 10.28 11.66 -2.63
CA THR A 4 8.82 11.68 -2.32
C THR A 4 8.03 11.60 -3.63
N ILE A 5 8.55 10.86 -4.58
CA ILE A 5 7.87 10.68 -5.91
C ILE A 5 6.92 11.85 -6.20
N LYS A 6 7.44 13.04 -6.22
CA LYS A 6 6.58 14.23 -6.50
C LYS A 6 5.27 14.14 -5.71
N GLU A 7 5.34 13.80 -4.45
CA GLU A 7 4.10 13.70 -3.63
C GLU A 7 2.99 13.05 -4.44
N ASN A 8 3.20 11.87 -4.94
CA ASN A 8 2.14 11.19 -5.73
C ASN A 8 1.69 9.92 -5.02
N ILE A 9 1.50 9.99 -3.73
CA ILE A 9 1.05 8.79 -2.97
C ILE A 9 -0.26 9.11 -2.24
N ILE A 10 -0.24 10.18 -1.50
CA ILE A 10 -1.44 10.63 -0.73
C ILE A 10 -2.33 9.44 -0.36
N GLY A 11 -1.76 8.39 0.18
CA GLY A 11 -2.59 7.22 0.57
C GLY A 11 -1.74 5.94 0.53
N VAL A 12 -1.25 5.53 1.66
CA VAL A 12 -0.43 4.28 1.70
C VAL A 12 -1.25 3.16 2.32
N SER A 13 -1.28 3.11 3.62
CA SER A 13 -2.04 2.03 4.31
C SER A 13 -3.54 2.24 4.07
N TYR A 14 -4.08 1.63 3.05
CA TYR A 14 -5.54 1.79 2.77
C TYR A 14 -6.21 0.42 2.75
N ASP A 15 -5.94 -0.40 3.71
CA ASP A 15 -6.55 -1.75 3.73
C ASP A 15 -6.25 -2.45 2.40
N GLU A 16 -5.00 -2.66 2.11
CA GLU A 16 -4.65 -3.32 0.82
C GLU A 16 -5.08 -4.79 0.89
N TYR A 17 -5.01 -5.39 2.05
CA TYR A 17 -5.44 -6.82 2.18
C TYR A 17 -5.77 -7.14 3.63
N ARG A 18 -6.15 -6.14 4.38
CA ARG A 18 -6.50 -6.33 5.83
C ARG A 18 -5.75 -7.53 6.42
N TYR A 19 -4.48 -7.65 6.14
CA TYR A 19 -3.71 -8.81 6.70
C TYR A 19 -4.19 -10.10 6.04
N ARG A 20 -4.22 -10.12 4.73
CA ARG A 20 -4.68 -11.34 4.02
C ARG A 20 -3.47 -12.23 3.74
N SER A 21 -2.57 -12.33 4.68
CA SER A 21 -1.37 -13.19 4.47
C SER A 21 -1.69 -14.61 4.96
N VAL A 22 -2.91 -15.03 4.78
CA VAL A 22 -3.31 -16.40 5.23
C VAL A 22 -4.04 -17.12 4.09
N ILE A 23 -3.39 -17.29 2.97
CA ILE A 23 -4.02 -17.99 1.82
C ILE A 23 -5.51 -17.63 1.74
N LYS A 24 -5.80 -16.43 1.31
CA LYS A 24 -7.23 -16.00 1.19
C LYS A 24 -8.03 -16.42 2.42
N ALA A 25 -8.25 -15.54 3.34
CA ALA A 25 -9.04 -15.91 4.55
C ALA A 25 -10.48 -16.23 4.13
N MET A 1 10.68 17.45 3.41
CA MET A 1 9.32 17.70 2.84
C MET A 1 9.23 17.11 1.43
N PRO A 2 10.13 17.51 0.57
CA PRO A 2 10.13 17.01 -0.82
C PRO A 2 10.53 15.52 -0.85
N GLY A 3 9.70 14.68 -1.40
CA GLY A 3 10.04 13.23 -1.45
C GLY A 3 10.81 12.94 -2.74
N THR A 4 10.93 11.69 -3.11
CA THR A 4 11.67 11.34 -4.34
C THR A 4 10.72 11.36 -5.54
N ILE A 5 9.81 12.31 -5.57
CA ILE A 5 8.85 12.44 -6.69
C ILE A 5 8.45 11.05 -7.21
N LYS A 6 8.18 10.12 -6.33
CA LYS A 6 7.77 8.76 -6.80
C LYS A 6 6.85 8.11 -5.78
N GLU A 7 6.27 8.91 -4.94
CA GLU A 7 5.34 8.37 -3.91
C GLU A 7 5.01 9.49 -2.90
N ASN A 8 4.30 10.49 -3.31
CA ASN A 8 3.96 11.59 -2.36
C ASN A 8 2.46 11.57 -2.06
N ILE A 9 1.89 10.41 -1.90
CA ILE A 9 0.44 10.33 -1.61
C ILE A 9 0.18 9.12 -0.71
N ILE A 10 0.66 7.98 -1.12
CA ILE A 10 0.48 6.74 -0.32
C ILE A 10 -0.89 6.74 0.36
N GLY A 11 -1.90 7.14 -0.35
CA GLY A 11 -3.27 7.19 0.24
C GLY A 11 -4.04 5.92 -0.13
N VAL A 12 -3.60 5.21 -1.13
CA VAL A 12 -4.30 3.97 -1.53
C VAL A 12 -4.12 2.91 -0.46
N SER A 13 -3.12 2.10 -0.60
CA SER A 13 -2.85 1.02 0.38
C SER A 13 -4.18 0.45 0.92
N TYR A 14 -4.96 -0.15 0.07
CA TYR A 14 -6.26 -0.73 0.54
C TYR A 14 -6.17 -2.26 0.50
N ASP A 15 -5.80 -2.81 -0.63
CA ASP A 15 -5.69 -4.29 -0.73
C ASP A 15 -4.35 -4.65 -1.38
N GLU A 16 -3.28 -4.05 -0.93
CA GLU A 16 -1.95 -4.35 -1.52
C GLU A 16 -1.38 -5.62 -0.89
N TYR A 17 -1.73 -5.91 0.34
CA TYR A 17 -1.21 -7.14 1.00
C TYR A 17 -2.34 -8.13 1.22
N ARG A 18 -3.20 -8.28 0.25
CA ARG A 18 -4.34 -9.25 0.36
C ARG A 18 -4.80 -9.36 1.80
N TYR A 19 -5.09 -8.25 2.43
CA TYR A 19 -5.55 -8.30 3.85
C TYR A 19 -4.61 -9.21 4.65
N ARG A 20 -3.35 -8.86 4.70
CA ARG A 20 -2.38 -9.70 5.47
C ARG A 20 -2.66 -11.19 5.22
N SER A 21 -2.76 -11.57 3.97
CA SER A 21 -3.04 -12.99 3.64
C SER A 21 -4.05 -13.59 4.64
N VAL A 22 -5.18 -12.97 4.78
CA VAL A 22 -6.20 -13.50 5.73
C VAL A 22 -7.39 -14.05 4.93
N ILE A 23 -7.13 -14.79 3.88
CA ILE A 23 -8.23 -15.35 3.06
C ILE A 23 -7.97 -16.83 2.83
N LYS A 24 -8.00 -17.61 3.88
CA LYS A 24 -7.76 -19.07 3.73
C LYS A 24 -8.53 -19.60 2.52
N ALA A 25 -8.04 -20.63 1.88
CA ALA A 25 -8.74 -21.18 0.70
C ALA A 25 -9.75 -22.24 1.14
N MET A 1 9.22 19.86 -10.59
CA MET A 1 10.67 19.55 -10.72
C MET A 1 10.96 18.12 -10.28
N PRO A 2 12.09 17.62 -10.70
CA PRO A 2 12.49 16.24 -10.34
C PRO A 2 12.93 16.18 -8.87
N GLY A 3 11.99 16.13 -7.96
CA GLY A 3 12.35 16.07 -6.51
C GLY A 3 12.27 14.62 -6.03
N THR A 4 12.52 14.39 -4.76
CA THR A 4 12.46 13.00 -4.23
C THR A 4 11.35 12.90 -3.16
N ILE A 5 10.20 13.45 -3.43
CA ILE A 5 9.10 13.39 -2.43
C ILE A 5 7.82 12.87 -3.10
N LYS A 6 7.82 11.63 -3.51
CA LYS A 6 6.62 11.06 -4.17
C LYS A 6 6.29 9.71 -3.53
N GLU A 7 6.43 9.62 -2.24
CA GLU A 7 6.13 8.34 -1.54
C GLU A 7 5.14 8.62 -0.41
N ASN A 8 4.16 9.42 -0.67
CA ASN A 8 3.16 9.75 0.38
C ASN A 8 1.91 8.90 0.17
N ILE A 9 2.07 7.63 -0.09
CA ILE A 9 0.89 6.75 -0.30
C ILE A 9 -0.10 7.00 0.83
N ILE A 10 0.40 7.42 1.96
CA ILE A 10 -0.48 7.69 3.13
C ILE A 10 -1.67 6.73 3.16
N GLY A 11 -1.45 5.51 2.76
CA GLY A 11 -2.57 4.52 2.76
C GLY A 11 -3.22 4.48 1.37
N VAL A 12 -2.89 3.50 0.59
CA VAL A 12 -3.49 3.39 -0.78
C VAL A 12 -4.09 2.00 -0.95
N SER A 13 -3.29 0.99 -0.81
CA SER A 13 -3.81 -0.38 -1.00
C SER A 13 -4.99 -0.63 -0.04
N TYR A 14 -5.48 -1.84 0.01
CA TYR A 14 -6.62 -2.14 0.92
C TYR A 14 -6.09 -2.41 2.33
N ASP A 15 -5.60 -3.59 2.60
CA ASP A 15 -5.08 -3.89 3.96
C ASP A 15 -3.55 -3.76 3.96
N GLU A 16 -3.04 -2.75 3.31
CA GLU A 16 -1.56 -2.55 3.29
C GLU A 16 -0.88 -3.83 2.78
N TYR A 17 -1.61 -4.69 2.13
CA TYR A 17 -1.01 -5.95 1.61
C TYR A 17 -0.64 -6.85 2.79
N ARG A 18 -1.46 -6.89 3.79
CA ARG A 18 -1.17 -7.77 4.96
C ARG A 18 -1.75 -9.15 4.71
N TYR A 19 -1.59 -9.66 3.51
CA TYR A 19 -2.15 -11.00 3.19
C TYR A 19 -3.58 -11.08 3.74
N ARG A 20 -4.31 -10.00 3.69
CA ARG A 20 -5.70 -10.01 4.21
C ARG A 20 -6.67 -10.36 3.08
N SER A 21 -6.26 -11.24 2.21
CA SER A 21 -7.16 -11.64 1.09
C SER A 21 -6.96 -13.13 0.79
N VAL A 22 -6.60 -13.86 1.80
CA VAL A 22 -6.38 -15.32 1.63
C VAL A 22 -7.35 -16.10 2.52
N ILE A 23 -8.62 -15.96 2.29
CA ILE A 23 -9.64 -16.67 3.13
C ILE A 23 -9.71 -18.15 2.73
N LYS A 24 -8.60 -18.79 2.50
CA LYS A 24 -8.62 -20.23 2.13
C LYS A 24 -9.38 -20.39 0.81
N ALA A 25 -8.78 -20.00 -0.29
CA ALA A 25 -9.46 -20.14 -1.59
C ALA A 25 -8.47 -19.83 -2.73
N MET A 1 12.74 21.22 -2.76
CA MET A 1 12.92 19.89 -2.08
C MET A 1 11.89 18.89 -2.59
N PRO A 2 12.08 18.48 -3.82
CA PRO A 2 11.15 17.50 -4.45
C PRO A 2 11.36 16.11 -3.85
N GLY A 3 10.59 15.15 -4.28
CA GLY A 3 10.76 13.76 -3.74
C GLY A 3 9.40 13.18 -3.38
N THR A 4 8.35 13.95 -3.49
CA THR A 4 7.00 13.43 -3.16
C THR A 4 6.37 12.82 -4.41
N ILE A 5 7.14 12.10 -5.17
CA ILE A 5 6.61 11.47 -6.41
C ILE A 5 7.21 10.09 -6.57
N LYS A 6 6.93 9.19 -5.66
CA LYS A 6 7.49 7.82 -5.75
C LYS A 6 6.81 6.93 -4.71
N GLU A 7 5.70 6.33 -5.07
CA GLU A 7 4.97 5.46 -4.10
C GLU A 7 4.23 6.34 -3.10
N ASN A 8 2.98 6.59 -3.35
CA ASN A 8 2.19 7.44 -2.42
C ASN A 8 1.34 6.53 -1.53
N ILE A 9 0.06 6.57 -1.70
CA ILE A 9 -0.84 5.72 -0.88
C ILE A 9 -1.78 4.92 -1.79
N ILE A 10 -1.77 5.21 -3.06
CA ILE A 10 -2.67 4.47 -3.99
C ILE A 10 -2.02 3.13 -4.38
N GLY A 11 -1.50 2.41 -3.43
CA GLY A 11 -0.86 1.11 -3.76
C GLY A 11 -1.09 0.11 -2.62
N VAL A 12 -0.10 -0.09 -1.79
CA VAL A 12 -0.27 -1.05 -0.65
C VAL A 12 0.10 -0.38 0.65
N SER A 13 1.37 -0.38 0.95
CA SER A 13 1.86 0.25 2.20
C SER A 13 1.15 -0.38 3.41
N TYR A 14 1.90 -0.99 4.27
CA TYR A 14 1.31 -1.62 5.49
C TYR A 14 0.02 -2.37 5.13
N ASP A 15 0.01 -3.06 4.02
CA ASP A 15 -1.21 -3.82 3.62
C ASP A 15 -2.45 -2.97 3.90
N GLU A 16 -2.59 -1.85 3.25
CA GLU A 16 -3.79 -1.00 3.50
C GLU A 16 -5.03 -1.62 2.83
N TYR A 17 -4.86 -2.71 2.13
CA TYR A 17 -6.04 -3.34 1.46
C TYR A 17 -6.15 -4.80 1.90
N ARG A 18 -5.90 -5.07 3.15
CA ARG A 18 -5.99 -6.47 3.64
C ARG A 18 -5.37 -7.41 2.62
N TYR A 19 -4.37 -6.95 1.94
CA TYR A 19 -3.70 -7.80 0.90
C TYR A 19 -4.75 -8.59 0.11
N ARG A 20 -5.95 -8.07 0.02
CA ARG A 20 -7.03 -8.77 -0.74
C ARG A 20 -6.85 -10.29 -0.64
N SER A 21 -6.49 -10.77 0.52
CA SER A 21 -6.29 -12.23 0.71
C SER A 21 -5.59 -12.49 2.05
N VAL A 22 -6.13 -11.97 3.11
CA VAL A 22 -5.49 -12.19 4.44
C VAL A 22 -6.40 -13.06 5.31
N ILE A 23 -6.70 -14.25 4.86
CA ILE A 23 -7.59 -15.15 5.66
C ILE A 23 -6.98 -16.56 5.69
N LYS A 24 -5.80 -16.70 6.23
CA LYS A 24 -5.16 -18.04 6.30
C LYS A 24 -5.25 -18.71 4.92
N ALA A 25 -4.33 -18.38 4.04
CA ALA A 25 -4.36 -18.99 2.68
C ALA A 25 -5.79 -19.00 2.15
N MET A 1 12.43 18.38 -9.09
CA MET A 1 13.02 18.96 -7.85
C MET A 1 13.90 17.92 -7.16
N PRO A 2 15.07 18.36 -6.77
CA PRO A 2 16.02 17.45 -6.07
C PRO A 2 15.57 17.22 -4.63
N GLY A 3 14.59 16.36 -4.44
CA GLY A 3 14.11 16.08 -3.05
C GLY A 3 13.27 14.82 -3.05
N THR A 4 12.95 14.31 -1.89
CA THR A 4 12.13 13.07 -1.82
C THR A 4 10.65 13.42 -1.88
N ILE A 5 10.27 14.26 -2.81
CA ILE A 5 8.83 14.65 -2.93
C ILE A 5 8.22 13.97 -4.15
N LYS A 6 8.28 12.67 -4.21
CA LYS A 6 7.70 11.96 -5.36
C LYS A 6 7.13 10.61 -4.89
N GLU A 7 6.05 10.64 -4.17
CA GLU A 7 5.44 9.37 -3.68
C GLU A 7 4.50 8.82 -4.74
N ASN A 8 4.96 8.71 -5.95
CA ASN A 8 4.10 8.18 -7.05
C ASN A 8 4.07 6.64 -7.00
N ILE A 9 3.94 6.08 -5.82
CA ILE A 9 3.89 4.60 -5.70
C ILE A 9 2.47 4.18 -5.30
N ILE A 10 1.63 5.13 -5.00
CA ILE A 10 0.24 4.81 -4.61
C ILE A 10 0.22 3.59 -3.67
N GLY A 11 1.10 3.57 -2.71
CA GLY A 11 1.13 2.42 -1.76
C GLY A 11 0.14 2.69 -0.62
N VAL A 12 -1.06 3.05 -0.94
CA VAL A 12 -2.08 3.33 0.11
C VAL A 12 -2.37 2.06 0.90
N SER A 13 -3.31 1.29 0.42
CA SER A 13 -3.69 0.04 1.12
C SER A 13 -3.80 0.30 2.62
N TYR A 14 -4.98 0.57 3.11
CA TYR A 14 -5.15 0.83 4.56
C TYR A 14 -5.50 -0.48 5.29
N ASP A 15 -5.51 -1.58 4.58
CA ASP A 15 -5.85 -2.87 5.23
C ASP A 15 -7.21 -2.74 5.92
N GLU A 16 -8.26 -2.69 5.16
CA GLU A 16 -9.62 -2.59 5.75
C GLU A 16 -10.15 -4.00 6.00
N TYR A 17 -9.50 -4.98 5.42
CA TYR A 17 -9.93 -6.37 5.62
C TYR A 17 -8.73 -7.13 6.17
N ARG A 18 -8.34 -6.83 7.38
CA ARG A 18 -7.15 -7.51 7.99
C ARG A 18 -7.38 -9.02 8.13
N TYR A 19 -7.99 -9.63 7.16
CA TYR A 19 -8.21 -11.10 7.18
C TYR A 19 -8.09 -11.62 5.76
N ARG A 20 -7.61 -10.80 4.84
CA ARG A 20 -7.46 -11.26 3.44
C ARG A 20 -6.19 -12.09 3.32
N SER A 21 -6.01 -13.04 4.19
CA SER A 21 -4.79 -13.89 4.12
C SER A 21 -4.97 -14.93 3.01
N VAL A 22 -5.44 -14.51 1.86
CA VAL A 22 -5.64 -15.48 0.75
C VAL A 22 -4.31 -15.72 0.03
N ILE A 23 -3.22 -15.27 0.59
CA ILE A 23 -1.90 -15.48 -0.06
C ILE A 23 -1.36 -16.87 0.29
N LYS A 24 -2.20 -17.87 0.24
CA LYS A 24 -1.73 -19.25 0.56
C LYS A 24 -2.52 -20.26 -0.27
N ALA A 25 -2.24 -21.52 -0.11
CA ALA A 25 -2.98 -22.54 -0.91
C ALA A 25 -3.39 -23.70 0.00
N MET A 1 9.69 26.30 -3.31
CA MET A 1 9.40 25.84 -1.91
C MET A 1 9.53 24.32 -1.82
N PRO A 2 8.78 23.64 -2.64
CA PRO A 2 8.80 22.15 -2.66
C PRO A 2 10.09 21.65 -3.32
N GLY A 3 10.42 20.41 -3.10
CA GLY A 3 11.66 19.85 -3.72
C GLY A 3 11.36 18.44 -4.25
N THR A 4 12.07 17.45 -3.78
CA THR A 4 11.82 16.07 -4.27
C THR A 4 10.87 15.36 -3.30
N ILE A 5 9.84 16.03 -2.87
CA ILE A 5 8.88 15.39 -1.93
C ILE A 5 7.45 15.65 -2.43
N LYS A 6 7.08 15.06 -3.52
CA LYS A 6 5.70 15.26 -4.05
C LYS A 6 5.00 13.91 -4.22
N GLU A 7 4.90 13.15 -3.16
CA GLU A 7 4.23 11.82 -3.26
C GLU A 7 4.79 11.05 -4.46
N ASN A 8 6.05 10.73 -4.42
CA ASN A 8 6.67 9.98 -5.57
C ASN A 8 7.06 8.57 -5.11
N ILE A 9 6.20 7.89 -4.41
CA ILE A 9 6.55 6.51 -3.95
C ILE A 9 5.50 5.51 -4.44
N ILE A 10 4.28 5.97 -4.58
CA ILE A 10 3.17 5.09 -5.05
C ILE A 10 3.43 3.63 -4.67
N GLY A 11 3.83 3.39 -3.44
CA GLY A 11 4.09 1.99 -3.01
C GLY A 11 3.20 1.64 -1.82
N VAL A 12 1.92 1.94 -1.93
CA VAL A 12 0.98 1.62 -0.81
C VAL A 12 0.59 0.14 -0.89
N SER A 13 0.49 -0.38 -2.08
CA SER A 13 0.07 -1.79 -2.23
C SER A 13 0.77 -2.66 -1.18
N TYR A 14 0.10 -2.93 -0.09
CA TYR A 14 0.72 -3.78 0.96
C TYR A 14 -0.15 -5.01 1.20
N ASP A 15 -1.44 -4.82 1.33
CA ASP A 15 -2.34 -5.96 1.56
C ASP A 15 -3.08 -6.29 0.27
N GLU A 16 -2.36 -6.41 -0.82
CA GLU A 16 -3.03 -6.73 -2.12
C GLU A 16 -3.99 -7.90 -1.92
N TYR A 17 -3.77 -8.69 -0.91
CA TYR A 17 -4.67 -9.86 -0.67
C TYR A 17 -5.41 -9.66 0.65
N ARG A 18 -5.78 -8.44 0.95
CA ARG A 18 -6.51 -8.15 2.22
C ARG A 18 -5.92 -8.98 3.36
N TYR A 19 -4.63 -9.23 3.32
CA TYR A 19 -3.97 -10.01 4.39
C TYR A 19 -4.42 -11.49 4.35
N ARG A 20 -5.27 -11.84 3.42
CA ARG A 20 -5.73 -13.26 3.31
C ARG A 20 -5.94 -13.83 4.71
N SER A 21 -6.46 -13.04 5.61
CA SER A 21 -6.70 -13.53 7.00
C SER A 21 -8.10 -14.09 7.10
N VAL A 22 -8.57 -14.75 6.07
CA VAL A 22 -9.94 -15.32 6.10
C VAL A 22 -9.93 -16.69 5.42
N ILE A 23 -9.37 -17.68 6.06
CA ILE A 23 -9.35 -19.04 5.44
C ILE A 23 -10.48 -19.89 6.03
N LYS A 24 -11.65 -19.32 6.16
CA LYS A 24 -12.80 -20.09 6.73
C LYS A 24 -14.08 -19.70 6.00
N ALA A 25 -14.59 -20.55 5.15
CA ALA A 25 -15.83 -20.23 4.42
C ALA A 25 -15.56 -19.10 3.42
N MET A 1 -0.18 12.14 -4.66
CA MET A 1 0.98 12.99 -4.26
C MET A 1 1.89 13.23 -5.47
N PRO A 2 2.19 14.48 -5.71
CA PRO A 2 3.06 14.84 -6.84
C PRO A 2 4.52 14.47 -6.54
N GLY A 3 4.84 13.20 -6.58
CA GLY A 3 6.24 12.77 -6.29
C GLY A 3 6.42 11.31 -6.66
N THR A 4 7.64 10.89 -6.85
CA THR A 4 7.90 9.47 -7.21
C THR A 4 8.37 8.72 -5.96
N ILE A 5 7.58 8.75 -4.92
CA ILE A 5 7.98 8.05 -3.67
C ILE A 5 7.56 6.57 -3.75
N LYS A 6 7.79 5.95 -4.87
CA LYS A 6 7.42 4.51 -5.03
C LYS A 6 6.07 4.25 -4.36
N GLU A 7 5.12 5.13 -4.53
CA GLU A 7 3.80 4.93 -3.89
C GLU A 7 3.99 4.61 -2.40
N ASN A 8 4.50 5.55 -1.65
CA ASN A 8 4.72 5.30 -0.19
C ASN A 8 3.75 6.16 0.61
N ILE A 9 2.48 6.07 0.33
CA ILE A 9 1.48 6.88 1.08
C ILE A 9 1.22 6.24 2.44
N ILE A 10 1.82 5.12 2.69
CA ILE A 10 1.61 4.43 4.00
C ILE A 10 0.12 4.17 4.22
N GLY A 11 -0.58 3.93 3.16
CA GLY A 11 -2.05 3.65 3.28
C GLY A 11 -2.47 2.75 2.11
N VAL A 12 -1.96 3.02 0.94
CA VAL A 12 -2.32 2.19 -0.24
C VAL A 12 -1.25 1.12 -0.44
N SER A 13 -0.09 1.34 0.12
CA SER A 13 1.00 0.36 -0.07
C SER A 13 0.52 -1.05 0.34
N TYR A 14 1.44 -1.97 0.45
CA TYR A 14 1.06 -3.36 0.83
C TYR A 14 1.65 -3.70 2.20
N ASP A 15 2.28 -2.77 2.85
CA ASP A 15 2.88 -3.05 4.18
C ASP A 15 2.11 -2.28 5.26
N GLU A 16 0.81 -2.43 5.31
CA GLU A 16 0.02 -1.72 6.35
C GLU A 16 -1.37 -2.36 6.45
N TYR A 17 -2.09 -2.45 5.37
CA TYR A 17 -3.44 -3.06 5.42
C TYR A 17 -3.57 -4.12 4.33
N ARG A 18 -2.45 -4.63 3.88
CA ARG A 18 -2.44 -5.68 2.82
C ARG A 18 -3.64 -5.52 1.88
N TYR A 19 -3.96 -4.31 1.51
CA TYR A 19 -5.13 -4.10 0.60
C TYR A 19 -6.37 -4.78 1.19
N ARG A 20 -6.58 -4.64 2.46
CA ARG A 20 -7.77 -5.27 3.11
C ARG A 20 -7.95 -6.69 2.56
N SER A 21 -6.88 -7.44 2.46
CA SER A 21 -6.99 -8.83 1.94
C SER A 21 -5.74 -9.61 2.35
N VAL A 22 -5.38 -9.53 3.60
CA VAL A 22 -4.16 -10.26 4.07
C VAL A 22 -4.23 -11.72 3.62
N ILE A 23 -5.40 -12.22 3.39
CA ILE A 23 -5.55 -13.62 2.92
C ILE A 23 -5.51 -13.64 1.39
N LYS A 24 -4.50 -13.04 0.82
CA LYS A 24 -4.40 -12.99 -0.68
C LYS A 24 -3.92 -14.37 -1.19
N ALA A 25 -4.34 -14.74 -2.36
CA ALA A 25 -3.92 -16.06 -2.92
C ALA A 25 -3.96 -16.00 -4.45
N MET A 1 -3.11 17.19 -5.93
CA MET A 1 -2.18 16.03 -5.93
C MET A 1 -2.46 15.12 -4.74
N PRO A 2 -3.28 14.13 -4.97
CA PRO A 2 -3.65 13.18 -3.90
C PRO A 2 -2.50 12.18 -3.65
N GLY A 3 -1.58 12.53 -2.79
CA GLY A 3 -0.45 11.59 -2.52
C GLY A 3 0.88 12.33 -2.67
N THR A 4 1.81 12.11 -1.78
CA THR A 4 3.12 12.79 -1.89
C THR A 4 4.10 11.89 -2.62
N ILE A 5 3.61 11.16 -3.60
CA ILE A 5 4.48 10.24 -4.40
C ILE A 5 5.59 9.65 -3.52
N LYS A 6 5.25 9.15 -2.36
CA LYS A 6 6.28 8.55 -1.47
C LYS A 6 5.95 7.08 -1.22
N GLU A 7 5.69 6.35 -2.26
CA GLU A 7 5.37 4.89 -2.09
C GLU A 7 6.53 4.05 -2.63
N ASN A 8 7.69 4.62 -2.66
CA ASN A 8 8.87 3.87 -3.17
C ASN A 8 9.72 3.38 -1.99
N ILE A 9 9.08 2.93 -0.95
CA ILE A 9 9.85 2.43 0.22
C ILE A 9 9.30 1.06 0.64
N ILE A 10 8.08 1.04 1.05
CA ILE A 10 7.44 -0.23 1.47
C ILE A 10 5.92 -0.06 1.41
N GLY A 11 5.33 -0.20 0.24
CA GLY A 11 3.86 -0.03 0.12
C GLY A 11 3.45 -0.21 -1.34
N VAL A 12 3.09 -1.41 -1.72
CA VAL A 12 2.67 -1.65 -3.13
C VAL A 12 1.16 -1.59 -3.23
N SER A 13 0.50 -2.47 -2.54
CA SER A 13 -0.98 -2.49 -2.62
C SER A 13 -1.52 -1.07 -2.42
N TYR A 14 -2.82 -0.90 -2.52
CA TYR A 14 -3.40 0.45 -2.34
C TYR A 14 -3.94 0.59 -0.91
N ASP A 15 -3.83 -0.43 -0.12
CA ASP A 15 -4.33 -0.34 1.29
C ASP A 15 -3.16 -0.31 2.26
N GLU A 16 -2.05 0.21 1.82
CA GLU A 16 -0.84 0.30 2.69
C GLU A 16 -0.42 -1.09 3.18
N TYR A 17 -0.99 -2.14 2.65
CA TYR A 17 -0.60 -3.50 3.11
C TYR A 17 -0.97 -3.64 4.58
N ARG A 18 -2.16 -3.23 4.94
CA ARG A 18 -2.58 -3.37 6.36
C ARG A 18 -3.02 -4.82 6.60
N TYR A 19 -2.22 -5.75 6.17
CA TYR A 19 -2.56 -7.19 6.34
C TYR A 19 -3.67 -7.56 5.35
N ARG A 20 -3.54 -7.14 4.13
CA ARG A 20 -4.59 -7.47 3.12
C ARG A 20 -4.06 -8.58 2.21
N SER A 21 -3.31 -9.49 2.76
CA SER A 21 -2.75 -10.60 1.94
C SER A 21 -3.25 -11.93 2.50
N VAL A 22 -4.44 -11.95 3.03
CA VAL A 22 -5.00 -13.20 3.59
C VAL A 22 -5.82 -13.92 2.51
N ILE A 23 -5.26 -14.04 1.32
CA ILE A 23 -5.96 -14.74 0.21
C ILE A 23 -7.47 -14.61 0.36
N LYS A 24 -7.97 -13.40 0.29
CA LYS A 24 -9.44 -13.18 0.45
C LYS A 24 -9.70 -11.70 0.70
N ALA A 25 -10.87 -11.36 1.17
CA ALA A 25 -11.18 -9.93 1.45
C ALA A 25 -11.78 -9.80 2.84
N MET A 1 -2.39 15.38 -9.19
CA MET A 1 -1.82 14.01 -9.24
C MET A 1 -0.29 14.07 -9.29
N PRO A 2 0.29 14.16 -8.11
CA PRO A 2 1.78 14.23 -8.01
C PRO A 2 2.40 12.86 -8.29
N GLY A 3 3.70 12.75 -8.15
CA GLY A 3 4.36 11.44 -8.42
C GLY A 3 4.71 10.76 -7.09
N THR A 4 4.65 9.46 -7.05
CA THR A 4 4.98 8.74 -5.79
C THR A 4 6.39 8.14 -5.89
N ILE A 5 7.33 8.89 -6.36
CA ILE A 5 8.72 8.36 -6.49
C ILE A 5 9.54 8.76 -5.26
N LYS A 6 8.94 8.72 -4.09
CA LYS A 6 9.68 9.10 -2.86
C LYS A 6 9.00 8.45 -1.64
N GLU A 7 8.87 7.15 -1.65
CA GLU A 7 8.22 6.47 -0.49
C GLU A 7 9.28 6.06 0.52
N ASN A 8 10.16 6.96 0.86
CA ASN A 8 11.22 6.62 1.86
C ASN A 8 10.71 6.91 3.27
N ILE A 9 9.49 6.53 3.56
CA ILE A 9 8.94 6.77 4.92
C ILE A 9 7.96 5.65 5.27
N ILE A 10 7.01 5.43 4.42
CA ILE A 10 6.01 4.35 4.67
C ILE A 10 5.46 3.88 3.33
N GLY A 11 6.16 3.01 2.66
CA GLY A 11 5.68 2.51 1.34
C GLY A 11 4.59 1.46 1.54
N VAL A 12 4.27 1.13 2.75
CA VAL A 12 3.20 0.12 3.00
C VAL A 12 1.84 0.74 2.73
N SER A 13 1.22 1.24 3.77
CA SER A 13 -0.13 1.86 3.65
C SER A 13 -0.92 1.26 2.49
N TYR A 14 -1.75 0.29 2.76
CA TYR A 14 -2.55 -0.33 1.66
C TYR A 14 -3.80 0.51 1.42
N ASP A 15 -4.61 0.67 2.43
CA ASP A 15 -5.86 1.48 2.29
C ASP A 15 -6.49 1.19 0.93
N GLU A 16 -6.50 -0.06 0.52
CA GLU A 16 -7.11 -0.40 -0.80
C GLU A 16 -7.13 -1.92 -0.97
N TYR A 17 -6.14 -2.61 -0.47
CA TYR A 17 -6.10 -4.09 -0.62
C TYR A 17 -6.15 -4.74 0.76
N ARG A 18 -6.81 -4.10 1.68
CA ARG A 18 -6.94 -4.63 3.08
C ARG A 18 -5.70 -5.43 3.47
N TYR A 19 -4.53 -4.88 3.27
CA TYR A 19 -3.29 -5.62 3.64
C TYR A 19 -3.31 -7.02 3.02
N ARG A 20 -3.71 -7.13 1.78
CA ARG A 20 -3.74 -8.46 1.13
C ARG A 20 -4.41 -9.46 2.07
N SER A 21 -5.68 -9.26 2.35
CA SER A 21 -6.39 -10.20 3.25
C SER A 21 -7.04 -11.30 2.42
N VAL A 22 -6.44 -11.63 1.31
CA VAL A 22 -7.00 -12.69 0.44
C VAL A 22 -6.68 -14.07 1.03
N ILE A 23 -6.00 -14.10 2.15
CA ILE A 23 -5.65 -15.41 2.77
C ILE A 23 -6.76 -15.88 3.70
N LYS A 24 -7.99 -15.78 3.26
CA LYS A 24 -9.12 -16.24 4.13
C LYS A 24 -9.34 -17.74 3.94
N ALA A 25 -9.39 -18.48 5.02
CA ALA A 25 -9.60 -19.95 4.89
C ALA A 25 -8.39 -20.59 4.22
N MET A 1 10.42 20.52 -4.38
CA MET A 1 9.75 20.53 -3.05
C MET A 1 9.17 19.15 -2.71
N PRO A 2 8.54 18.52 -3.68
CA PRO A 2 7.94 17.19 -3.43
C PRO A 2 9.02 16.11 -3.46
N GLY A 3 8.65 14.87 -3.29
CA GLY A 3 9.65 13.77 -3.30
C GLY A 3 9.32 12.78 -4.41
N THR A 4 10.28 11.99 -4.83
CA THR A 4 10.00 11.01 -5.91
C THR A 4 9.68 9.64 -5.30
N ILE A 5 8.76 9.62 -4.36
CA ILE A 5 8.39 8.32 -3.72
C ILE A 5 7.33 7.62 -4.58
N LYS A 6 7.51 7.60 -5.87
CA LYS A 6 6.51 6.93 -6.74
C LYS A 6 5.13 7.52 -6.45
N GLU A 7 5.01 8.82 -6.45
CA GLU A 7 3.69 9.44 -6.17
C GLU A 7 3.14 8.86 -4.86
N ASN A 8 3.83 9.07 -3.78
CA ASN A 8 3.35 8.52 -2.48
C ASN A 8 2.62 9.59 -1.68
N ILE A 9 1.86 10.41 -2.34
CA ILE A 9 1.10 11.47 -1.60
C ILE A 9 -0.13 10.82 -0.97
N ILE A 10 -0.42 9.60 -1.35
CA ILE A 10 -1.60 8.89 -0.79
C ILE A 10 -1.30 7.38 -0.80
N GLY A 11 -0.18 6.99 -0.26
CA GLY A 11 0.18 5.54 -0.25
C GLY A 11 -0.33 4.87 1.03
N VAL A 12 -1.37 5.39 1.61
CA VAL A 12 -1.89 4.76 2.86
C VAL A 12 -2.04 3.26 2.63
N SER A 13 -2.65 2.88 1.54
CA SER A 13 -2.84 1.43 1.26
C SER A 13 -1.56 0.66 1.58
N TYR A 14 -1.62 -0.27 2.48
CA TYR A 14 -0.39 -1.05 2.83
C TYR A 14 -0.21 -2.18 1.82
N ASP A 15 -1.28 -2.69 1.28
CA ASP A 15 -1.17 -3.79 0.29
C ASP A 15 -0.12 -4.80 0.75
N GLU A 16 -0.17 -5.18 2.00
CA GLU A 16 0.82 -6.16 2.53
C GLU A 16 0.22 -7.55 2.48
N TYR A 17 -0.97 -7.70 3.01
CA TYR A 17 -1.64 -9.03 3.01
C TYR A 17 -3.03 -8.89 3.62
N ARG A 18 -3.65 -7.76 3.45
CA ARG A 18 -5.00 -7.52 4.03
C ARG A 18 -5.11 -8.21 5.40
N TYR A 19 -4.02 -8.26 6.10
CA TYR A 19 -4.03 -8.91 7.45
C TYR A 19 -4.60 -10.32 7.34
N ARG A 20 -4.55 -10.92 6.18
CA ARG A 20 -5.10 -12.29 6.03
C ARG A 20 -4.79 -12.85 4.64
N SER A 21 -3.53 -12.98 4.31
CA SER A 21 -3.15 -13.54 2.97
C SER A 21 -4.11 -13.00 1.91
N VAL A 22 -4.11 -11.72 1.69
CA VAL A 22 -5.02 -11.13 0.66
C VAL A 22 -6.39 -11.81 0.73
N ILE A 23 -7.03 -11.72 1.86
CA ILE A 23 -8.38 -12.34 2.03
C ILE A 23 -8.46 -13.67 1.27
N LYS A 24 -7.47 -14.51 1.41
CA LYS A 24 -7.51 -15.81 0.69
C LYS A 24 -7.81 -16.94 1.68
N ALA A 25 -8.70 -17.82 1.33
CA ALA A 25 -9.05 -18.93 2.26
C ALA A 25 -9.68 -20.08 1.45
#